data_1JSN
#
_entry.id   1JSN
#
_cell.length_a   131.626
_cell.length_b   131.626
_cell.length_c   254.110
_cell.angle_alpha   90.00
_cell.angle_beta   90.00
_cell.angle_gamma   120.00
#
_symmetry.space_group_name_H-M   'H 3 2'
#
loop_
_entity.id
_entity.type
_entity.pdbx_description
1 polymer 'HAEMAGGLUTININ (HA1 CHAIN)'
2 polymer 'HAEMAGGLUTININ (HA2 CHAIN)'
3 branched 2-acetamido-2-deoxy-beta-D-glucopyranose-(1-4)-2-acetamido-2-deoxy-beta-D-glucopyranose
4 branched 'N-acetyl-alpha-neuraminic acid-(2-3)-beta-D-galactopyranose-(1-3)-2-acetamido-2-deoxy-beta-D-glucopyranose'
5 non-polymer 2-acetamido-2-deoxy-beta-D-glucopyranose
6 water water
#
loop_
_entity_poly.entity_id
_entity_poly.type
_entity_poly.pdbx_seq_one_letter_code
_entity_poly.pdbx_strand_id
1 'polypeptide(L)'
;DQICIGYHANNSTEQVDTIMEKNVTVTHAQDILEKTHNGKLCDLNGVKPLILRDCSVAGWLLGNPMCDEFLNVPEWSYIV
EKDNPVNGLCYPENFNDYEELKHLLSSTNHFEKIRIIPRSSWSNHDASSGVSSACPYNGRSSFFRNVVWLIKKNNAYPTI
KRSYNNTNQEDLLILWGIHHPNDAAEQTKLYQNPTTYVSVGTSTLNQRSVPEIATRPKVNGQSGRMEFFWTILKPNDAIN
FESNGNFIAPEYAYKIVKKGGSAIMKSGLEYGNCNTKCQTPMGAINSSMPFHNIHPLTIGECPKYVKSGRLVLATGLRNV
PQRET
;
A
2 'polypeptide(L)'
;GLFGAIAGFIEGGWQGMVDGWYGYHHSNEQGSGYAADKESTQKAIDGTTNKVNSIIDKMNTQFEAVGKEFNNLERRIENL
NKKMEDGFLDVWTYNAELLVLMENERTLDFHDSNVKNLYDKVRLQLRDNAKELGNGCFEFYHKCDNECMESVKNGTYDYP
QYSEEARLNREEISGV
;
B
#
# COMPACT_ATOMS: atom_id res chain seq x y z
N ASP A 1 -43.41 -18.25 -43.03
CA ASP A 1 -43.25 -18.75 -41.63
C ASP A 1 -41.78 -19.10 -41.30
N GLN A 2 -41.25 -18.57 -40.17
CA GLN A 2 -39.83 -18.79 -39.83
C GLN A 2 -39.33 -18.64 -38.38
N ILE A 3 -38.14 -19.17 -38.14
CA ILE A 3 -37.45 -19.09 -36.85
C ILE A 3 -36.05 -18.47 -37.07
N CYS A 4 -35.73 -17.44 -36.29
CA CYS A 4 -34.44 -16.76 -36.42
C CYS A 4 -33.52 -16.86 -35.20
N ILE A 5 -32.24 -17.16 -35.43
CA ILE A 5 -31.25 -17.25 -34.36
C ILE A 5 -30.63 -15.88 -34.15
N GLY A 6 -30.50 -15.50 -32.89
CA GLY A 6 -29.94 -14.19 -32.64
C GLY A 6 -29.34 -13.92 -31.27
N TYR A 7 -28.91 -12.67 -31.11
CA TYR A 7 -28.24 -12.28 -29.89
C TYR A 7 -28.63 -10.91 -29.36
N HIS A 8 -28.53 -10.82 -28.04
CA HIS A 8 -28.84 -9.64 -27.25
C HIS A 8 -28.21 -8.37 -27.77
N ALA A 9 -28.86 -7.25 -27.45
CA ALA A 9 -28.37 -5.94 -27.84
C ALA A 9 -29.04 -4.95 -26.89
N ASN A 10 -28.35 -3.86 -26.57
CA ASN A 10 -28.93 -2.88 -25.68
C ASN A 10 -28.37 -1.47 -25.89
N ASN A 11 -28.67 -0.60 -24.94
CA ASN A 11 -28.26 0.80 -24.99
C ASN A 11 -26.93 0.99 -24.28
N SER A 12 -26.30 -0.12 -23.93
CA SER A 12 -25.02 -0.08 -23.24
C SER A 12 -24.08 0.83 -23.99
N THR A 13 -23.35 1.64 -23.24
CA THR A 13 -22.40 2.58 -23.81
C THR A 13 -20.98 2.10 -23.48
N GLU A 14 -20.90 1.15 -22.55
CA GLU A 14 -19.65 0.55 -22.08
C GLU A 14 -18.68 0.16 -23.20
N GLN A 15 -17.40 0.43 -22.99
CA GLN A 15 -16.37 0.13 -23.97
C GLN A 15 -15.17 -0.61 -23.39
N VAL A 16 -14.70 -1.62 -24.10
CA VAL A 16 -13.53 -2.39 -23.69
C VAL A 16 -12.47 -2.25 -24.78
N ASP A 17 -11.29 -2.81 -24.54
CA ASP A 17 -10.23 -2.77 -25.54
C ASP A 17 -9.74 -4.18 -25.83
N THR A 18 -9.25 -4.39 -27.04
CA THR A 18 -8.68 -5.68 -27.44
C THR A 18 -7.40 -5.35 -28.19
N ILE A 19 -6.61 -6.38 -28.48
CA ILE A 19 -5.37 -6.22 -29.20
C ILE A 19 -5.60 -5.62 -30.59
N MET A 20 -6.57 -6.14 -31.33
CA MET A 20 -6.81 -5.64 -32.69
C MET A 20 -7.70 -4.41 -32.83
N GLU A 21 -8.62 -4.22 -31.90
CA GLU A 21 -9.54 -3.11 -32.02
C GLU A 21 -9.85 -2.47 -30.67
N LYS A 22 -9.67 -1.15 -30.62
CA LYS A 22 -9.92 -0.34 -29.43
C LYS A 22 -11.34 0.24 -29.38
N ASN A 23 -11.81 0.49 -28.17
CA ASN A 23 -13.13 1.05 -27.93
C ASN A 23 -14.30 0.29 -28.54
N VAL A 24 -14.38 -1.00 -28.24
CA VAL A 24 -15.48 -1.79 -28.73
C VAL A 24 -16.63 -1.58 -27.76
N THR A 25 -17.79 -1.19 -28.29
CA THR A 25 -18.95 -0.97 -27.45
C THR A 25 -19.49 -2.36 -27.16
N VAL A 26 -19.75 -2.66 -25.89
CA VAL A 26 -20.24 -3.98 -25.53
C VAL A 26 -21.46 -3.92 -24.62
N THR A 27 -22.32 -4.92 -24.72
CA THR A 27 -23.55 -4.99 -23.92
C THR A 27 -23.33 -4.91 -22.42
N HIS A 28 -22.33 -5.62 -21.93
CA HIS A 28 -22.04 -5.64 -20.51
C HIS A 28 -20.55 -5.72 -20.25
N ALA A 29 -20.08 -4.92 -19.30
CA ALA A 29 -18.67 -4.92 -18.97
C ALA A 29 -18.46 -4.65 -17.48
N GLN A 30 -17.43 -5.26 -16.92
CA GLN A 30 -17.15 -5.08 -15.51
C GLN A 30 -15.84 -4.35 -15.27
N ASP A 31 -15.93 -3.24 -14.54
CA ASP A 31 -14.75 -2.46 -14.21
C ASP A 31 -14.09 -3.21 -13.06
N ILE A 32 -12.76 -3.17 -12.99
CA ILE A 32 -12.04 -3.84 -11.92
C ILE A 32 -10.95 -2.99 -11.32
N LEU A 33 -10.93 -1.73 -11.74
CA LEU A 33 -9.96 -0.75 -11.27
C LEU A 33 -10.58 0.32 -10.39
N GLU A 34 -10.19 0.34 -9.11
CA GLU A 34 -10.65 1.31 -8.14
C GLU A 34 -9.80 2.58 -8.23
N LYS A 35 -10.44 3.71 -8.55
CA LYS A 35 -9.72 4.96 -8.73
C LYS A 35 -10.00 6.05 -7.74
N THR A 36 -10.64 5.71 -6.62
CA THR A 36 -10.91 6.74 -5.62
C THR A 36 -10.52 6.37 -4.19
N HIS A 37 -10.18 7.40 -3.44
CA HIS A 37 -9.81 7.24 -2.05
C HIS A 37 -10.63 8.30 -1.31
N ASN A 38 -10.48 8.41 -0.01
CA ASN A 38 -11.29 9.40 0.68
C ASN A 38 -10.51 10.63 1.15
N GLY A 39 -9.26 10.74 0.74
CA GLY A 39 -8.45 11.88 1.11
C GLY A 39 -8.10 12.04 2.57
N LYS A 40 -8.26 10.99 3.37
CA LYS A 40 -7.96 11.08 4.81
C LYS A 40 -7.00 10.00 5.33
N LEU A 41 -6.40 10.26 6.48
CA LEU A 41 -5.52 9.29 7.13
C LEU A 41 -6.42 8.77 8.23
N CYS A 42 -6.88 7.54 8.10
CA CYS A 42 -7.79 6.99 9.09
C CYS A 42 -7.18 6.01 10.04
N ASP A 43 -8.02 5.57 10.96
CA ASP A 43 -7.66 4.55 11.92
C ASP A 43 -7.65 3.31 11.04
N LEU A 44 -6.82 2.33 11.39
CA LEU A 44 -6.79 1.11 10.59
C LEU A 44 -7.40 0.07 11.51
N ASN A 45 -8.59 -0.40 11.10
CA ASN A 45 -9.35 -1.39 11.86
C ASN A 45 -9.47 -1.02 13.36
N GLY A 46 -9.96 0.20 13.60
CA GLY A 46 -10.15 0.70 14.94
C GLY A 46 -8.92 1.19 15.69
N VAL A 47 -7.76 1.08 15.05
CA VAL A 47 -6.53 1.51 15.70
C VAL A 47 -6.01 2.75 15.00
N LYS A 48 -5.80 3.80 15.79
CA LYS A 48 -5.36 5.08 15.30
C LYS A 48 -3.86 5.10 15.04
N PRO A 49 -3.40 5.84 14.02
CA PRO A 49 -1.98 5.93 13.70
C PRO A 49 -1.25 6.94 14.55
N LEU A 50 0.08 6.88 14.51
CA LEU A 50 0.91 7.84 15.20
C LEU A 50 1.21 8.92 14.13
N ILE A 51 0.63 10.10 14.34
CA ILE A 51 0.81 11.21 13.42
C ILE A 51 1.80 12.13 14.13
N LEU A 52 3.02 12.17 13.62
CA LEU A 52 4.09 12.97 14.21
C LEU A 52 4.06 14.47 13.92
N ARG A 53 3.27 14.86 12.94
CA ARG A 53 3.08 16.27 12.56
C ARG A 53 4.34 17.03 12.21
N ASP A 54 4.79 17.91 13.09
CA ASP A 54 5.99 18.68 12.81
C ASP A 54 7.26 18.08 13.44
N CYS A 55 7.10 16.93 14.07
CA CYS A 55 8.18 16.22 14.71
C CYS A 55 8.64 15.01 13.90
N SER A 56 9.95 14.81 13.86
CA SER A 56 10.51 13.68 13.14
C SER A 56 10.66 12.51 14.11
N VAL A 57 11.03 11.34 13.61
CA VAL A 57 11.21 10.17 14.47
C VAL A 57 12.25 10.55 15.52
N ALA A 58 13.27 11.27 15.10
CA ALA A 58 14.29 11.67 16.06
C ALA A 58 13.75 12.61 17.13
N GLY A 59 13.08 13.67 16.72
CA GLY A 59 12.54 14.57 17.72
C GLY A 59 11.67 13.80 18.71
N TRP A 60 10.94 12.82 18.22
CA TRP A 60 10.08 12.06 19.10
C TRP A 60 10.84 11.19 20.07
N LEU A 61 11.68 10.32 19.53
CA LEU A 61 12.43 9.40 20.39
C LEU A 61 13.42 10.03 21.36
N LEU A 62 14.04 11.14 20.97
CA LEU A 62 14.99 11.80 21.85
C LEU A 62 14.32 12.78 22.82
N GLY A 63 13.07 13.15 22.50
CA GLY A 63 12.34 14.06 23.36
C GLY A 63 12.64 15.54 23.11
N ASN A 64 12.57 15.96 21.87
CA ASN A 64 12.77 17.36 21.51
C ASN A 64 11.63 18.12 22.24
N PRO A 65 11.95 19.19 22.98
CA PRO A 65 10.92 19.94 23.72
C PRO A 65 9.70 20.40 22.92
N MET A 66 9.86 20.63 21.62
CA MET A 66 8.74 21.07 20.84
C MET A 66 7.85 19.88 20.51
N CYS A 67 8.21 18.70 20.99
CA CYS A 67 7.45 17.50 20.66
C CYS A 67 6.85 16.81 21.86
N ASP A 68 6.57 17.57 22.90
CA ASP A 68 5.99 16.99 24.11
C ASP A 68 4.70 16.24 23.83
N GLU A 69 4.10 16.45 22.66
CA GLU A 69 2.89 15.74 22.31
C GLU A 69 3.12 14.22 22.19
N PHE A 70 4.38 13.82 22.04
CA PHE A 70 4.64 12.41 21.87
C PHE A 70 5.52 11.82 22.94
N LEU A 71 5.47 12.44 24.12
CA LEU A 71 6.26 11.96 25.24
C LEU A 71 5.94 10.51 25.60
N ASN A 72 4.68 10.12 25.46
CA ASN A 72 4.27 8.76 25.77
C ASN A 72 3.16 8.34 24.83
N VAL A 73 3.51 8.02 23.58
CA VAL A 73 2.51 7.62 22.60
C VAL A 73 2.03 6.18 22.81
N PRO A 74 0.75 5.95 22.54
CA PRO A 74 0.12 4.63 22.68
C PRO A 74 0.34 3.75 21.44
N GLU A 75 -0.29 2.57 21.47
CA GLU A 75 -0.19 1.63 20.36
C GLU A 75 -0.67 2.32 19.10
N TRP A 76 0.05 2.15 18.01
CA TRP A 76 -0.33 2.76 16.71
C TRP A 76 -0.54 1.68 15.67
N SER A 77 -1.20 2.01 14.56
CA SER A 77 -1.43 1.06 13.51
C SER A 77 -0.31 1.29 12.49
N TYR A 78 -0.21 2.50 11.97
CA TYR A 78 0.87 2.86 11.06
C TYR A 78 1.45 4.18 11.58
N ILE A 79 2.49 4.70 10.93
CA ILE A 79 3.11 5.94 11.38
C ILE A 79 3.18 6.92 10.20
N VAL A 80 2.85 8.18 10.44
CA VAL A 80 2.90 9.17 9.39
C VAL A 80 3.85 10.27 9.85
N GLU A 81 4.80 10.63 8.99
CA GLU A 81 5.79 11.66 9.27
C GLU A 81 5.81 12.56 8.06
N LYS A 82 5.93 13.86 8.26
CA LYS A 82 5.95 14.73 7.10
C LYS A 82 7.25 14.55 6.34
N ASP A 83 7.37 15.14 5.16
CA ASP A 83 8.59 14.98 4.40
C ASP A 83 9.78 15.64 5.10
N ASN A 84 9.58 16.84 5.62
CA ASN A 84 10.67 17.52 6.32
C ASN A 84 10.19 18.13 7.62
N PRO A 85 9.93 17.29 8.65
CA PRO A 85 9.46 17.79 9.95
C PRO A 85 10.40 18.92 10.34
N VAL A 86 9.90 19.96 10.98
CA VAL A 86 10.80 21.03 11.35
C VAL A 86 11.47 20.73 12.71
N ASN A 87 10.83 19.94 13.55
CA ASN A 87 11.41 19.59 14.84
C ASN A 87 12.00 18.19 14.87
N GLY A 88 13.32 18.13 14.80
CA GLY A 88 14.05 16.88 14.87
C GLY A 88 15.13 17.15 15.89
N LEU A 89 16.38 17.20 15.46
CA LEU A 89 17.48 17.50 16.37
C LEU A 89 17.59 19.01 16.61
N CYS A 90 16.91 19.52 17.65
CA CYS A 90 16.95 20.96 17.97
C CYS A 90 18.42 21.35 18.16
N TYR A 91 19.19 20.56 18.91
CA TYR A 91 20.61 20.88 19.01
C TYR A 91 21.17 20.14 17.79
N PRO A 92 21.81 20.85 16.87
CA PRO A 92 22.38 20.27 15.64
C PRO A 92 23.32 19.08 15.85
N GLU A 93 23.30 18.15 14.89
CA GLU A 93 24.18 17.00 14.99
C GLU A 93 23.79 15.89 14.05
N ASN A 94 24.15 14.67 14.42
CA ASN A 94 23.86 13.50 13.60
C ASN A 94 23.21 12.38 14.43
N PHE A 95 22.60 11.46 13.71
CA PHE A 95 21.97 10.31 14.34
C PHE A 95 22.43 9.02 13.61
N ASN A 96 23.42 8.31 14.15
CA ASN A 96 23.92 7.08 13.50
C ASN A 96 22.87 6.10 13.09
N ASP A 97 23.08 5.46 11.95
CA ASP A 97 22.15 4.47 11.43
C ASP A 97 20.71 4.91 11.67
N TYR A 98 20.41 6.18 11.42
CA TYR A 98 19.06 6.68 11.61
C TYR A 98 18.07 5.92 10.74
N GLU A 99 18.45 5.62 9.49
CA GLU A 99 17.55 4.91 8.59
C GLU A 99 17.29 3.48 9.02
N GLU A 100 18.24 2.86 9.70
CA GLU A 100 18.04 1.48 10.14
C GLU A 100 17.08 1.47 11.33
N LEU A 101 17.10 2.55 12.12
CA LEU A 101 16.22 2.63 13.27
C LEU A 101 14.82 2.86 12.71
N LYS A 102 14.68 3.73 11.73
CA LYS A 102 13.36 3.93 11.15
C LYS A 102 12.81 2.66 10.56
N HIS A 103 13.67 1.87 9.92
CA HIS A 103 13.19 0.64 9.30
C HIS A 103 12.77 -0.33 10.39
N LEU A 104 13.45 -0.25 11.53
CA LEU A 104 13.15 -1.09 12.70
C LEU A 104 11.74 -0.75 13.16
N LEU A 105 11.43 0.54 13.25
CA LEU A 105 10.10 0.97 13.67
C LEU A 105 9.01 0.18 12.93
N SER A 106 9.31 -0.27 11.72
CA SER A 106 8.36 -1.03 10.89
C SER A 106 8.09 -2.48 11.29
N SER A 107 8.81 -2.97 12.28
CA SER A 107 8.61 -4.33 12.77
C SER A 107 7.86 -4.21 14.10
N THR A 108 7.37 -3.00 14.37
CA THR A 108 6.72 -2.74 15.63
C THR A 108 5.52 -1.80 15.62
N ASN A 109 4.64 -2.00 16.60
CA ASN A 109 3.44 -1.17 16.72
C ASN A 109 3.39 -0.41 18.02
N HIS A 110 4.43 -0.56 18.82
CA HIS A 110 4.48 0.16 20.07
C HIS A 110 5.85 0.26 20.75
N PHE A 111 6.13 1.49 21.17
CA PHE A 111 7.34 1.81 21.90
C PHE A 111 6.83 2.37 23.21
N GLU A 112 7.03 1.61 24.29
CA GLU A 112 6.61 2.03 25.62
C GLU A 112 7.84 2.62 26.33
N LYS A 113 7.72 3.88 26.76
CA LYS A 113 8.79 4.58 27.40
C LYS A 113 8.99 4.15 28.84
N ILE A 114 10.25 4.00 29.28
CA ILE A 114 10.54 3.66 30.66
C ILE A 114 11.88 4.25 31.12
N ARG A 115 11.96 4.60 32.40
CA ARG A 115 13.17 5.19 32.96
C ARG A 115 14.17 4.13 33.39
N ILE A 116 15.30 4.03 32.71
CA ILE A 116 16.28 3.03 33.06
C ILE A 116 17.35 3.69 33.90
N ILE A 117 17.39 5.02 33.89
CA ILE A 117 18.37 5.74 34.70
C ILE A 117 17.79 7.07 35.17
N PRO A 118 17.39 7.15 36.44
CA PRO A 118 16.81 8.37 37.02
C PRO A 118 17.74 9.57 36.85
N ARG A 119 17.16 10.73 36.59
CA ARG A 119 17.90 11.97 36.41
C ARG A 119 18.56 12.43 37.73
N SER A 120 18.10 11.87 38.83
CA SER A 120 18.59 12.18 40.18
C SER A 120 19.80 11.35 40.57
N SER A 121 20.06 10.31 39.79
CA SER A 121 21.18 9.40 40.05
C SER A 121 22.54 10.00 39.88
N TRP A 122 22.61 11.20 39.33
CA TRP A 122 23.91 11.80 39.12
C TRP A 122 24.36 12.69 40.25
N SER A 123 24.72 12.05 41.36
CA SER A 123 25.18 12.75 42.56
C SER A 123 26.52 13.45 42.40
N ASN A 124 27.34 13.01 41.45
CA ASN A 124 28.63 13.64 41.26
C ASN A 124 28.75 14.48 40.03
N HIS A 125 27.66 14.60 39.27
CA HIS A 125 27.72 15.42 38.07
C HIS A 125 26.55 16.42 38.05
N ASP A 126 26.69 17.44 37.24
CA ASP A 126 25.68 18.47 37.10
C ASP A 126 24.66 18.04 36.03
N ALA A 127 23.51 17.55 36.46
CA ALA A 127 22.49 17.13 35.51
C ALA A 127 21.44 18.23 35.32
N SER A 128 21.79 19.46 35.69
CA SER A 128 20.86 20.59 35.62
C SER A 128 21.14 21.66 34.58
N SER A 129 22.38 21.78 34.15
CA SER A 129 22.76 22.82 33.21
C SER A 129 22.83 22.42 31.76
N GLY A 130 22.54 21.16 31.46
CA GLY A 130 22.60 20.68 30.09
C GLY A 130 21.42 21.14 29.24
N VAL A 131 21.37 22.45 29.00
CA VAL A 131 20.29 23.00 28.20
C VAL A 131 20.93 23.94 27.21
N SER A 132 20.26 24.16 26.09
CA SER A 132 20.78 25.03 25.05
C SER A 132 19.71 25.94 24.45
N SER A 133 20.11 27.08 23.91
CA SER A 133 19.13 27.97 23.32
C SER A 133 18.60 27.36 22.04
N ALA A 134 19.26 26.33 21.53
CA ALA A 134 18.79 25.72 20.31
C ALA A 134 17.61 24.77 20.59
N CYS A 135 17.32 24.58 21.87
CA CYS A 135 16.22 23.72 22.28
C CYS A 135 15.32 24.49 23.26
N PRO A 136 14.64 25.52 22.72
CA PRO A 136 13.74 26.41 23.46
C PRO A 136 12.43 25.82 24.00
N TYR A 137 12.12 26.07 25.26
CA TYR A 137 10.87 25.60 25.84
C TYR A 137 10.42 26.59 26.89
N ASN A 138 9.23 27.18 26.70
CA ASN A 138 8.70 28.19 27.62
C ASN A 138 9.62 29.41 27.66
N GLY A 139 10.18 29.74 26.49
CA GLY A 139 11.06 30.89 26.39
C GLY A 139 12.40 30.75 27.10
N ARG A 140 12.76 29.52 27.49
CA ARG A 140 14.02 29.28 28.18
C ARG A 140 14.78 28.17 27.45
N SER A 141 16.06 28.01 27.77
CA SER A 141 16.86 26.97 27.13
C SER A 141 16.51 25.61 27.71
N SER A 142 16.28 24.62 26.86
CA SER A 142 15.99 23.29 27.37
C SER A 142 16.88 22.26 26.67
N PHE A 143 16.37 21.04 26.53
CA PHE A 143 17.13 19.99 25.88
C PHE A 143 16.23 18.81 25.63
N PHE A 144 16.72 17.87 24.82
CA PHE A 144 15.94 16.66 24.55
C PHE A 144 15.57 16.09 25.91
N ARG A 145 14.29 15.82 26.11
CA ARG A 145 13.84 15.31 27.40
C ARG A 145 14.27 13.91 27.78
N ASN A 146 14.45 13.01 26.81
CA ASN A 146 14.82 11.63 27.18
C ASN A 146 16.26 11.33 27.49
N VAL A 147 17.13 12.33 27.31
CA VAL A 147 18.53 12.11 27.62
C VAL A 147 18.98 13.27 28.47
N VAL A 148 20.16 13.14 29.07
CA VAL A 148 20.70 14.17 29.93
C VAL A 148 22.11 14.61 29.50
N TRP A 149 22.28 15.92 29.37
CA TRP A 149 23.55 16.52 29.00
C TRP A 149 24.23 16.77 30.36
N LEU A 150 25.12 15.86 30.79
CA LEU A 150 25.81 16.02 32.07
C LEU A 150 26.93 17.02 31.98
N ILE A 151 27.12 17.75 33.06
CA ILE A 151 28.15 18.80 33.13
C ILE A 151 29.04 18.60 34.37
N LYS A 152 30.32 18.93 34.24
CA LYS A 152 31.25 18.81 35.37
C LYS A 152 30.65 19.47 36.61
N LYS A 153 31.00 18.95 37.81
CA LYS A 153 30.50 19.46 39.08
C LYS A 153 31.68 19.77 40.00
N ASN A 154 31.67 20.97 40.55
CA ASN A 154 32.73 21.45 41.42
C ASN A 154 34.04 21.37 40.66
N ASN A 155 34.00 21.70 39.37
CA ASN A 155 35.18 21.67 38.53
C ASN A 155 35.79 20.30 38.45
N ALA A 156 34.92 19.29 38.38
CA ALA A 156 35.39 17.90 38.28
C ALA A 156 34.39 17.11 37.50
N TYR A 157 34.89 16.19 36.68
CA TYR A 157 34.00 15.31 35.95
C TYR A 157 34.53 13.93 36.31
N PRO A 158 34.19 13.47 37.51
CA PRO A 158 34.69 12.15 37.89
C PRO A 158 34.20 11.09 36.91
N THR A 159 35.06 10.15 36.58
CA THR A 159 34.73 9.07 35.66
C THR A 159 33.38 8.44 35.99
N ILE A 160 32.54 8.27 34.99
CA ILE A 160 31.24 7.67 35.20
C ILE A 160 31.25 6.18 34.87
N LYS A 161 30.49 5.43 35.66
CA LYS A 161 30.36 3.99 35.47
C LYS A 161 28.92 3.64 35.79
N ARG A 162 28.12 3.39 34.77
CA ARG A 162 26.75 2.98 34.97
C ARG A 162 26.44 1.71 34.22
N SER A 163 25.63 0.85 34.83
CA SER A 163 25.25 -0.41 34.24
C SER A 163 23.73 -0.58 34.34
N TYR A 164 23.11 -1.11 33.29
CA TYR A 164 21.67 -1.33 33.33
C TYR A 164 21.35 -2.69 32.73
N ASN A 165 20.70 -3.53 33.53
CA ASN A 165 20.32 -4.88 33.13
C ASN A 165 18.89 -4.87 32.60
N ASN A 166 18.66 -5.50 31.44
CA ASN A 166 17.32 -5.54 30.90
C ASN A 166 16.49 -6.63 31.57
N THR A 167 15.81 -6.27 32.66
CA THR A 167 14.98 -7.21 33.38
C THR A 167 13.61 -7.32 32.73
N ASN A 168 13.40 -6.58 31.65
CA ASN A 168 12.12 -6.60 30.94
C ASN A 168 11.99 -7.83 30.04
N GLN A 169 10.81 -8.03 29.48
CA GLN A 169 10.61 -9.19 28.63
C GLN A 169 10.92 -8.79 27.20
N GLU A 170 10.70 -7.50 26.92
CA GLU A 170 10.89 -6.95 25.59
C GLU A 170 12.31 -6.51 25.31
N ASP A 171 12.62 -6.35 24.03
CA ASP A 171 13.91 -5.84 23.63
C ASP A 171 13.88 -4.41 24.11
N LEU A 172 15.03 -3.85 24.42
CA LEU A 172 15.06 -2.49 24.90
C LEU A 172 15.81 -1.58 23.93
N LEU A 173 15.14 -0.54 23.42
CA LEU A 173 15.79 0.43 22.53
C LEU A 173 16.39 1.49 23.41
N ILE A 174 17.72 1.54 23.49
CA ILE A 174 18.44 2.52 24.31
C ILE A 174 19.15 3.55 23.42
N LEU A 175 18.96 4.84 23.72
CA LEU A 175 19.56 5.94 22.98
C LEU A 175 20.46 6.76 23.88
N TRP A 176 21.63 7.11 23.37
CA TRP A 176 22.59 7.97 24.09
C TRP A 176 23.35 8.81 23.10
N GLY A 177 24.27 9.62 23.58
CA GLY A 177 25.01 10.45 22.65
C GLY A 177 26.29 10.97 23.23
N ILE A 178 27.03 11.73 22.42
CA ILE A 178 28.27 12.32 22.85
C ILE A 178 28.26 13.76 22.32
N HIS A 179 28.95 14.69 22.98
CA HIS A 179 28.95 16.08 22.50
C HIS A 179 30.28 16.48 21.88
N HIS A 180 30.22 17.03 20.67
CA HIS A 180 31.40 17.50 20.00
C HIS A 180 31.43 19.02 20.18
N PRO A 181 32.25 19.50 21.13
CA PRO A 181 32.39 20.94 21.42
C PRO A 181 33.07 21.75 20.29
N ASN A 182 33.07 23.09 20.43
CA ASN A 182 33.66 24.00 19.45
C ASN A 182 35.18 24.12 19.49
N ASP A 183 35.73 24.06 20.70
CA ASP A 183 37.18 24.15 20.89
C ASP A 183 37.62 23.63 22.25
N ALA A 184 38.92 23.41 22.37
CA ALA A 184 39.53 22.90 23.60
C ALA A 184 39.07 23.65 24.83
N ALA A 185 38.91 24.96 24.69
CA ALA A 185 38.48 25.77 25.81
C ALA A 185 37.05 25.42 26.23
N GLU A 186 36.18 25.16 25.27
CA GLU A 186 34.81 24.82 25.59
C GLU A 186 34.76 23.44 26.28
N GLN A 187 35.62 22.54 25.79
CA GLN A 187 35.74 21.19 26.33
C GLN A 187 35.95 21.24 27.85
N THR A 188 36.88 22.09 28.27
CA THR A 188 37.19 22.22 29.68
C THR A 188 36.15 23.03 30.45
N LYS A 189 35.52 23.98 29.79
CA LYS A 189 34.53 24.76 30.50
C LYS A 189 33.37 23.84 30.83
N LEU A 190 33.10 22.90 29.93
CA LEU A 190 31.99 21.99 30.18
C LEU A 190 32.34 20.77 31.03
N TYR A 191 33.42 20.08 30.65
CA TYR A 191 33.78 18.84 31.33
C TYR A 191 35.07 18.75 32.16
N GLN A 192 35.89 19.80 32.13
CA GLN A 192 37.15 19.87 32.88
C GLN A 192 38.27 18.97 32.33
N ASN A 193 37.98 17.71 32.04
CA ASN A 193 38.99 16.79 31.51
C ASN A 193 39.18 17.08 30.04
N PRO A 194 40.43 17.18 29.59
CA PRO A 194 40.67 17.47 28.17
C PRO A 194 40.61 16.29 27.21
N THR A 195 40.98 15.11 27.68
CA THR A 195 40.92 13.95 26.79
C THR A 195 39.88 13.01 27.32
N THR A 196 38.76 12.96 26.61
CA THR A 196 37.62 12.18 27.04
C THR A 196 37.11 11.12 26.07
N TYR A 197 36.18 10.32 26.57
CA TYR A 197 35.59 9.27 25.77
C TYR A 197 34.28 8.80 26.39
N VAL A 198 33.50 8.09 25.56
CA VAL A 198 32.27 7.48 26.01
C VAL A 198 32.32 6.04 25.50
N SER A 199 32.56 5.11 26.41
CA SER A 199 32.65 3.70 26.05
C SER A 199 31.38 3.02 26.44
N VAL A 200 30.88 2.20 25.53
CA VAL A 200 29.65 1.45 25.73
C VAL A 200 29.82 -0.02 25.38
N GLY A 201 29.36 -0.89 26.28
CA GLY A 201 29.44 -2.32 26.07
C GLY A 201 28.26 -3.19 26.49
N THR A 202 27.82 -4.05 25.58
CA THR A 202 26.75 -4.98 25.89
C THR A 202 27.37 -6.32 25.56
N SER A 203 26.57 -7.29 25.17
CA SER A 203 27.10 -8.61 24.83
C SER A 203 27.54 -8.64 23.40
N THR A 204 26.98 -7.71 22.64
CA THR A 204 27.25 -7.63 21.22
C THR A 204 27.91 -6.32 20.84
N LEU A 205 27.77 -5.32 21.71
CA LEU A 205 28.33 -4.00 21.46
C LEU A 205 29.66 -3.67 22.14
N ASN A 206 30.60 -3.22 21.35
CA ASN A 206 31.90 -2.79 21.85
C ASN A 206 32.07 -1.43 21.16
N GLN A 207 32.22 -0.37 21.94
CA GLN A 207 32.34 0.96 21.35
C GLN A 207 32.96 2.04 22.24
N ARG A 208 33.86 2.83 21.63
CA ARG A 208 34.50 3.96 22.31
C ARG A 208 34.42 5.13 21.36
N SER A 209 33.84 6.22 21.86
CA SER A 209 33.71 7.42 21.05
C SER A 209 34.45 8.55 21.73
N VAL A 210 35.20 9.27 20.90
CA VAL A 210 36.00 10.39 21.33
C VAL A 210 35.39 11.63 20.69
N PRO A 211 35.22 12.69 21.48
CA PRO A 211 34.65 13.89 20.87
C PRO A 211 35.58 14.42 19.76
N GLU A 212 35.02 14.65 18.56
CA GLU A 212 35.78 15.18 17.42
C GLU A 212 35.57 16.70 17.30
N ILE A 213 36.51 17.53 17.74
CA ILE A 213 36.32 18.96 17.62
C ILE A 213 36.62 19.58 16.26
N ALA A 214 35.83 20.58 15.91
CA ALA A 214 36.00 21.30 14.66
C ALA A 214 35.31 22.63 14.81
N THR A 215 35.47 23.46 13.78
CA THR A 215 34.89 24.78 13.76
C THR A 215 33.85 24.71 12.67
N ARG A 216 32.59 24.81 13.06
CA ARG A 216 31.53 24.71 12.10
C ARG A 216 30.55 25.85 12.23
N PRO A 217 29.81 26.12 11.15
CA PRO A 217 28.83 27.19 11.15
C PRO A 217 27.66 26.92 12.10
N LYS A 218 26.98 27.98 12.50
CA LYS A 218 25.86 27.83 13.42
C LYS A 218 24.55 27.33 12.84
N VAL A 219 23.98 26.33 13.51
CA VAL A 219 22.68 25.80 13.15
C VAL A 219 21.86 25.97 14.42
N ASN A 220 20.70 26.61 14.27
CA ASN A 220 19.84 26.91 15.40
C ASN A 220 20.69 27.63 16.43
N GLY A 221 21.66 28.37 15.91
CA GLY A 221 22.57 29.16 16.73
C GLY A 221 23.71 28.45 17.42
N GLN A 222 23.93 27.19 17.10
CA GLN A 222 25.00 26.50 17.77
C GLN A 222 26.03 25.92 16.83
N SER A 223 27.30 26.14 17.13
CA SER A 223 28.37 25.62 16.28
C SER A 223 28.77 24.23 16.76
N GLY A 224 28.33 23.88 17.95
CA GLY A 224 28.63 22.56 18.50
C GLY A 224 27.73 21.57 17.77
N ARG A 225 27.87 20.29 18.07
CA ARG A 225 27.09 19.24 17.44
C ARG A 225 26.93 18.07 18.39
N MET A 226 25.94 17.22 18.15
CA MET A 226 25.74 16.05 19.00
C MET A 226 25.67 14.82 18.10
N GLU A 227 26.23 13.70 18.56
CA GLU A 227 26.18 12.44 17.82
C GLU A 227 25.35 11.49 18.69
N PHE A 228 24.27 10.96 18.13
CA PHE A 228 23.41 10.04 18.86
C PHE A 228 23.57 8.61 18.40
N PHE A 229 23.59 7.71 19.38
CA PHE A 229 23.73 6.29 19.15
C PHE A 229 22.56 5.52 19.69
N TRP A 230 22.40 4.31 19.16
CA TRP A 230 21.35 3.46 19.63
C TRP A 230 21.77 2.00 19.52
N THR A 231 21.22 1.19 20.41
CA THR A 231 21.46 -0.25 20.37
C THR A 231 20.22 -0.88 20.96
N ILE A 232 19.98 -2.13 20.60
CA ILE A 232 18.83 -2.84 21.13
C ILE A 232 19.39 -3.76 22.21
N LEU A 233 18.91 -3.57 23.43
CA LEU A 233 19.37 -4.40 24.52
C LEU A 233 18.41 -5.56 24.72
N LYS A 234 18.93 -6.77 24.57
CA LYS A 234 18.13 -7.99 24.72
C LYS A 234 17.75 -8.27 26.17
N PRO A 235 16.62 -8.95 26.37
CA PRO A 235 16.23 -9.25 27.74
C PRO A 235 17.35 -10.01 28.43
N ASN A 236 17.65 -9.58 29.64
CA ASN A 236 18.68 -10.22 30.42
C ASN A 236 20.10 -9.83 30.04
N ASP A 237 20.26 -9.07 28.97
CA ASP A 237 21.60 -8.64 28.68
C ASP A 237 21.81 -7.37 29.51
N ALA A 238 23.04 -6.90 29.56
CA ALA A 238 23.37 -5.73 30.31
C ALA A 238 24.13 -4.75 29.42
N ILE A 239 24.03 -3.47 29.74
CA ILE A 239 24.74 -2.46 28.97
C ILE A 239 25.61 -1.65 29.92
N ASN A 240 26.87 -1.40 29.51
CA ASN A 240 27.79 -0.66 30.35
C ASN A 240 28.28 0.63 29.72
N PHE A 241 28.10 1.74 30.43
CA PHE A 241 28.55 3.05 29.99
C PHE A 241 29.67 3.47 30.89
N GLU A 242 30.75 3.97 30.28
CA GLU A 242 31.85 4.51 31.05
C GLU A 242 32.25 5.74 30.28
N SER A 243 32.50 6.82 31.00
CA SER A 243 32.87 8.07 30.36
C SER A 243 33.46 9.04 31.38
N ASN A 244 34.39 9.86 30.91
CA ASN A 244 35.02 10.87 31.73
C ASN A 244 34.64 12.25 31.14
N GLY A 245 33.56 12.30 30.34
CA GLY A 245 33.13 13.57 29.76
C GLY A 245 32.42 13.53 28.40
N ASN A 246 31.62 14.57 28.14
CA ASN A 246 30.89 14.73 26.88
C ASN A 246 29.76 13.76 26.65
N PHE A 247 29.46 12.97 27.67
CA PHE A 247 28.41 11.95 27.63
C PHE A 247 27.00 12.53 27.74
N ILE A 248 26.14 12.14 26.81
CA ILE A 248 24.74 12.54 26.83
C ILE A 248 24.09 11.21 27.22
N ALA A 249 24.00 10.99 28.53
CA ALA A 249 23.44 9.76 29.09
C ALA A 249 21.98 9.57 28.85
N PRO A 250 21.57 8.32 28.85
CA PRO A 250 20.16 8.08 28.63
C PRO A 250 19.41 8.25 29.95
N GLU A 251 18.12 8.52 29.86
CA GLU A 251 17.28 8.61 31.04
C GLU A 251 16.16 7.62 30.73
N TYR A 252 15.49 7.86 29.61
CA TYR A 252 14.40 6.99 29.20
C TYR A 252 14.84 6.10 28.07
N ALA A 253 14.17 4.97 27.94
CA ALA A 253 14.46 4.00 26.92
C ALA A 253 13.11 3.49 26.44
N TYR A 254 13.10 2.58 25.49
CA TYR A 254 11.83 2.05 24.99
C TYR A 254 11.73 0.52 24.91
N LYS A 255 10.68 -0.04 25.51
CA LYS A 255 10.42 -1.48 25.46
C LYS A 255 9.76 -1.73 24.13
N ILE A 256 10.41 -2.52 23.26
CA ILE A 256 9.87 -2.81 21.94
C ILE A 256 8.81 -3.88 21.90
N VAL A 257 7.57 -3.46 21.65
CA VAL A 257 6.45 -4.39 21.53
C VAL A 257 6.31 -4.72 20.05
N LYS A 258 6.75 -5.92 19.69
CA LYS A 258 6.74 -6.40 18.32
C LYS A 258 5.41 -6.93 17.81
N LYS A 259 4.31 -6.22 18.07
CA LYS A 259 3.01 -6.65 17.56
C LYS A 259 3.24 -6.58 16.04
N GLY A 260 4.45 -6.12 15.72
CA GLY A 260 4.96 -5.97 14.36
C GLY A 260 4.03 -5.96 13.17
N GLY A 261 4.24 -5.00 12.28
CA GLY A 261 3.42 -4.93 11.10
C GLY A 261 2.95 -3.52 10.91
N SER A 262 3.89 -2.63 10.64
CA SER A 262 3.53 -1.24 10.46
C SER A 262 4.14 -0.63 9.19
N ALA A 263 5.26 0.07 9.34
CA ALA A 263 5.98 0.75 8.26
C ALA A 263 5.58 2.25 8.25
N ILE A 264 6.57 3.11 8.02
CA ILE A 264 6.40 4.56 8.02
C ILE A 264 5.85 5.15 6.72
N MET A 265 4.86 6.03 6.86
CA MET A 265 4.23 6.65 5.71
C MET A 265 4.61 8.12 5.60
N LYS A 266 4.67 8.66 4.39
CA LYS A 266 5.03 10.06 4.21
C LYS A 266 3.84 10.83 3.69
N SER A 267 3.38 11.80 4.48
CA SER A 267 2.22 12.58 4.10
C SER A 267 2.12 13.87 4.91
N GLY A 268 1.43 14.87 4.37
CA GLY A 268 1.25 16.13 5.06
C GLY A 268 -0.16 16.20 5.63
N LEU A 269 -0.90 15.12 5.46
CA LEU A 269 -2.25 15.12 5.99
C LEU A 269 -2.19 15.03 7.48
N GLU A 270 -3.33 15.30 8.10
CA GLU A 270 -3.49 15.23 9.54
C GLU A 270 -4.50 14.10 9.72
N TYR A 271 -4.92 13.84 10.94
CA TYR A 271 -5.89 12.77 11.18
C TYR A 271 -7.32 13.16 10.73
N GLY A 272 -7.97 12.29 9.97
CA GLY A 272 -9.30 12.57 9.44
C GLY A 272 -10.52 11.99 10.14
N ASN A 273 -10.34 11.51 11.37
CA ASN A 273 -11.43 10.96 12.15
C ASN A 273 -12.31 10.08 11.27
N CYS A 274 -11.77 8.92 10.90
CA CYS A 274 -12.46 7.94 10.07
C CYS A 274 -11.78 6.60 10.31
N ASN A 275 -12.32 5.53 9.77
CA ASN A 275 -11.72 4.22 9.95
C ASN A 275 -11.69 3.55 8.61
N THR A 276 -10.68 2.74 8.37
CA THR A 276 -10.59 2.07 7.09
C THR A 276 -9.89 0.73 7.21
N LYS A 277 -9.99 -0.06 6.15
CA LYS A 277 -9.34 -1.37 6.07
C LYS A 277 -8.07 -1.19 5.27
N CYS A 278 -8.13 -0.27 4.32
CA CYS A 278 -7.00 0.01 3.46
C CYS A 278 -6.64 1.49 3.44
N GLN A 279 -5.37 1.79 3.72
CA GLN A 279 -4.85 3.16 3.78
C GLN A 279 -3.63 3.46 2.87
N THR A 280 -3.65 4.61 2.21
CA THR A 280 -2.55 5.02 1.38
C THR A 280 -2.17 6.42 1.85
N PRO A 281 -0.99 6.89 1.48
CA PRO A 281 -0.58 8.23 1.93
C PRO A 281 -1.49 9.38 1.48
N MET A 282 -2.34 9.11 0.50
CA MET A 282 -3.24 10.13 -0.02
C MET A 282 -4.63 10.07 0.58
N GLY A 283 -5.02 8.89 1.01
CA GLY A 283 -6.33 8.73 1.59
C GLY A 283 -6.61 7.26 1.70
N ALA A 284 -7.78 6.92 2.22
CA ALA A 284 -8.14 5.55 2.39
C ALA A 284 -8.97 4.97 1.27
N ILE A 285 -9.02 3.64 1.24
CA ILE A 285 -9.76 2.93 0.22
C ILE A 285 -10.76 1.96 0.82
N ASN A 286 -11.99 1.98 0.29
CA ASN A 286 -13.06 1.06 0.68
C ASN A 286 -13.53 0.63 -0.68
N SER A 287 -13.01 -0.51 -1.13
CA SER A 287 -13.33 -1.00 -2.46
C SER A 287 -13.31 -2.52 -2.53
N SER A 288 -14.08 -3.05 -3.48
CA SER A 288 -14.16 -4.50 -3.69
C SER A 288 -13.39 -4.87 -4.95
N MET A 289 -12.88 -3.84 -5.61
CA MET A 289 -12.10 -4.00 -6.83
C MET A 289 -10.85 -4.84 -6.60
N PRO A 290 -10.43 -5.58 -7.61
CA PRO A 290 -9.21 -6.38 -7.41
C PRO A 290 -7.97 -5.51 -7.57
N PHE A 291 -8.11 -4.40 -8.30
CA PHE A 291 -7.01 -3.44 -8.56
C PHE A 291 -7.33 -1.98 -8.17
N HIS A 292 -6.29 -1.15 -8.10
CA HIS A 292 -6.40 0.29 -7.78
C HIS A 292 -5.16 0.99 -8.31
N ASN A 293 -5.27 2.29 -8.54
CA ASN A 293 -4.14 3.05 -9.04
C ASN A 293 -3.93 4.29 -8.20
N ILE A 294 -4.14 4.15 -6.89
CA ILE A 294 -4.00 5.30 -5.99
C ILE A 294 -2.56 5.62 -5.64
N HIS A 295 -1.85 4.64 -5.13
CA HIS A 295 -0.47 4.87 -4.71
C HIS A 295 0.14 3.51 -4.39
N PRO A 296 1.43 3.33 -4.71
CA PRO A 296 2.03 2.04 -4.41
C PRO A 296 2.20 1.70 -2.92
N LEU A 297 2.55 2.69 -2.11
CA LEU A 297 2.75 2.44 -0.68
C LEU A 297 1.45 2.37 0.11
N THR A 298 0.89 1.19 0.25
CA THR A 298 -0.34 1.05 1.00
C THR A 298 -0.16 0.15 2.19
N ILE A 299 -1.17 0.08 3.03
CA ILE A 299 -1.12 -0.77 4.19
C ILE A 299 -2.53 -1.23 4.59
N GLY A 300 -2.62 -2.53 4.92
CA GLY A 300 -3.88 -3.17 5.29
C GLY A 300 -4.44 -4.01 4.15
N GLU A 301 -5.66 -4.52 4.28
CA GLU A 301 -6.26 -5.31 3.19
C GLU A 301 -6.52 -4.43 1.98
N CYS A 302 -5.58 -4.37 1.06
CA CYS A 302 -5.79 -3.52 -0.10
C CYS A 302 -5.86 -4.20 -1.43
N PRO A 303 -6.35 -3.48 -2.43
CA PRO A 303 -6.42 -4.10 -3.75
C PRO A 303 -5.00 -3.99 -4.32
N LYS A 304 -4.72 -4.70 -5.42
CA LYS A 304 -3.38 -4.68 -6.01
C LYS A 304 -3.13 -3.42 -6.82
N TYR A 305 -2.02 -2.76 -6.57
CA TYR A 305 -1.70 -1.53 -7.27
C TYR A 305 -1.14 -1.72 -8.67
N VAL A 306 -1.56 -0.87 -9.60
CA VAL A 306 -1.08 -0.87 -10.98
C VAL A 306 -1.14 0.56 -11.52
N LYS A 307 -0.36 0.84 -12.55
CA LYS A 307 -0.32 2.17 -13.12
C LYS A 307 -1.43 2.44 -14.11
N SER A 308 -2.27 1.46 -14.38
CA SER A 308 -3.32 1.69 -15.35
C SER A 308 -4.23 2.87 -15.05
N GLY A 309 -4.79 3.44 -16.12
CA GLY A 309 -5.71 4.55 -16.00
C GLY A 309 -7.10 3.94 -16.18
N ARG A 310 -7.16 2.91 -17.02
CA ARG A 310 -8.42 2.24 -17.29
C ARG A 310 -8.22 0.73 -17.28
N LEU A 311 -9.20 -0.01 -16.76
CA LEU A 311 -9.10 -1.45 -16.73
C LEU A 311 -10.50 -2.06 -16.73
N VAL A 312 -11.03 -2.33 -17.92
CA VAL A 312 -12.37 -2.91 -18.05
C VAL A 312 -12.41 -4.26 -18.77
N LEU A 313 -13.00 -5.25 -18.10
CA LEU A 313 -13.11 -6.59 -18.65
C LEU A 313 -14.47 -6.75 -19.32
N ALA A 314 -14.46 -7.25 -20.55
CA ALA A 314 -15.69 -7.50 -21.30
C ALA A 314 -16.38 -8.65 -20.59
N THR A 315 -17.71 -8.60 -20.50
CA THR A 315 -18.41 -9.70 -19.88
C THR A 315 -19.46 -10.11 -20.91
N GLY A 316 -20.21 -9.14 -21.41
CA GLY A 316 -21.24 -9.41 -22.41
C GLY A 316 -20.57 -9.43 -23.78
N LEU A 317 -21.37 -9.35 -24.84
CA LEU A 317 -20.81 -9.35 -26.20
C LEU A 317 -20.84 -7.99 -26.87
N ARG A 318 -20.38 -7.95 -28.12
CA ARG A 318 -20.37 -6.70 -28.85
C ARG A 318 -21.80 -6.18 -28.95
N ASN A 319 -21.98 -4.88 -28.73
CA ASN A 319 -23.31 -4.27 -28.78
C ASN A 319 -23.51 -3.58 -30.12
N VAL A 320 -24.28 -4.24 -30.99
CA VAL A 320 -24.55 -3.70 -32.33
C VAL A 320 -25.99 -3.29 -32.65
N PRO A 321 -26.18 -2.01 -33.02
CA PRO A 321 -27.51 -1.50 -33.35
C PRO A 321 -28.05 -2.23 -34.58
N GLY B 1 -17.67 -11.74 -36.36
CA GLY B 1 -16.34 -11.66 -35.67
C GLY B 1 -15.52 -12.85 -36.15
N LEU B 2 -14.67 -13.40 -35.28
CA LEU B 2 -13.84 -14.58 -35.61
C LEU B 2 -14.64 -15.81 -36.11
N PHE B 3 -15.87 -15.97 -35.64
CA PHE B 3 -16.67 -17.11 -36.05
C PHE B 3 -17.72 -16.78 -37.09
N GLY B 4 -17.77 -15.52 -37.51
CA GLY B 4 -18.69 -15.10 -38.54
C GLY B 4 -20.11 -14.71 -38.17
N ALA B 5 -20.57 -15.14 -37.00
CA ALA B 5 -21.94 -14.86 -36.55
C ALA B 5 -22.25 -13.39 -36.16
N ILE B 6 -21.90 -13.02 -34.94
CA ILE B 6 -22.12 -11.67 -34.42
C ILE B 6 -21.49 -10.63 -35.31
N ALA B 7 -22.30 -9.67 -35.74
CA ALA B 7 -21.86 -8.61 -36.64
C ALA B 7 -21.25 -9.28 -37.86
N GLY B 8 -21.93 -10.32 -38.35
CA GLY B 8 -21.45 -11.06 -39.50
C GLY B 8 -22.55 -11.59 -40.41
N PHE B 9 -22.69 -12.91 -40.48
CA PHE B 9 -23.72 -13.47 -41.32
C PHE B 9 -25.07 -13.08 -40.72
N ILE B 10 -25.03 -12.67 -39.46
CA ILE B 10 -26.22 -12.19 -38.77
C ILE B 10 -25.91 -10.72 -38.44
N GLU B 11 -26.22 -9.84 -39.39
CA GLU B 11 -25.94 -8.41 -39.30
C GLU B 11 -26.12 -7.68 -37.97
N GLY B 12 -27.22 -7.91 -37.25
CA GLY B 12 -27.40 -7.19 -35.99
C GLY B 12 -27.96 -7.92 -34.78
N GLY B 13 -27.88 -7.25 -33.64
CA GLY B 13 -28.38 -7.83 -32.40
C GLY B 13 -29.82 -7.41 -32.20
N TRP B 14 -30.55 -8.14 -31.37
CA TRP B 14 -31.94 -7.80 -31.14
C TRP B 14 -32.15 -6.91 -29.97
N GLN B 15 -32.40 -5.64 -30.30
CA GLN B 15 -32.64 -4.58 -29.33
C GLN B 15 -33.81 -4.88 -28.41
N GLY B 16 -34.44 -6.05 -28.58
CA GLY B 16 -35.57 -6.38 -27.76
C GLY B 16 -35.61 -7.76 -27.13
N MET B 17 -34.45 -8.33 -26.82
CA MET B 17 -34.42 -9.65 -26.19
C MET B 17 -33.82 -9.58 -24.78
N VAL B 18 -34.30 -8.63 -23.98
CA VAL B 18 -33.82 -8.43 -22.62
C VAL B 18 -33.61 -9.72 -21.81
N ASP B 19 -34.19 -10.82 -22.28
CA ASP B 19 -34.10 -12.12 -21.58
C ASP B 19 -32.69 -12.72 -21.41
N GLY B 20 -31.82 -12.57 -22.40
CA GLY B 20 -30.49 -13.15 -22.30
C GLY B 20 -29.54 -12.75 -23.41
N TRP B 21 -28.45 -13.49 -23.55
CA TRP B 21 -27.46 -13.17 -24.56
C TRP B 21 -27.78 -13.70 -25.94
N TYR B 22 -28.30 -14.92 -25.99
CA TYR B 22 -28.65 -15.55 -27.26
C TYR B 22 -30.10 -16.10 -27.26
N GLY B 23 -30.76 -16.08 -28.40
CA GLY B 23 -32.12 -16.57 -28.44
C GLY B 23 -32.77 -16.66 -29.81
N TYR B 24 -34.09 -16.82 -29.84
CA TYR B 24 -34.84 -16.95 -31.07
C TYR B 24 -35.84 -15.82 -31.33
N HIS B 25 -36.33 -15.76 -32.57
CA HIS B 25 -37.35 -14.79 -32.97
C HIS B 25 -38.21 -15.46 -34.01
N HIS B 26 -39.22 -16.20 -33.53
CA HIS B 26 -40.13 -16.93 -34.40
C HIS B 26 -41.21 -16.08 -35.05
N SER B 27 -41.78 -16.61 -36.14
CA SER B 27 -42.81 -15.91 -36.91
C SER B 27 -43.76 -16.86 -37.66
N ASN B 28 -45.05 -16.83 -37.30
CA ASN B 28 -46.08 -17.67 -37.95
C ASN B 28 -47.46 -17.02 -37.79
N GLU B 29 -48.49 -17.61 -38.39
CA GLU B 29 -49.85 -17.07 -38.29
C GLU B 29 -50.11 -16.58 -36.88
N GLN B 30 -50.05 -17.49 -35.90
CA GLN B 30 -50.27 -17.14 -34.50
C GLN B 30 -49.63 -15.81 -34.11
N GLY B 31 -48.37 -15.63 -34.51
CA GLY B 31 -47.67 -14.40 -34.19
C GLY B 31 -46.16 -14.54 -34.13
N SER B 32 -45.49 -13.45 -33.75
CA SER B 32 -44.02 -13.42 -33.66
C SER B 32 -43.51 -12.97 -32.28
N GLY B 33 -42.26 -13.33 -31.96
CA GLY B 33 -41.66 -12.94 -30.69
C GLY B 33 -40.23 -13.41 -30.41
N TYR B 34 -39.56 -12.76 -29.45
CA TYR B 34 -38.20 -13.15 -29.09
C TYR B 34 -38.26 -14.02 -27.85
N ALA B 35 -37.26 -14.87 -27.70
CA ALA B 35 -37.18 -15.74 -26.54
C ALA B 35 -35.75 -16.24 -26.39
N ALA B 36 -35.11 -15.86 -25.28
CA ALA B 36 -33.73 -16.26 -25.01
C ALA B 36 -33.60 -17.77 -24.86
N ASP B 37 -32.38 -18.26 -25.01
CA ASP B 37 -32.10 -19.68 -24.93
C ASP B 37 -31.32 -19.99 -23.66
N LYS B 38 -32.05 -20.33 -22.59
CA LYS B 38 -31.45 -20.64 -21.28
C LYS B 38 -30.17 -21.50 -21.25
N GLU B 39 -30.19 -22.65 -21.90
CA GLU B 39 -29.03 -23.56 -21.92
C GLU B 39 -27.73 -22.87 -22.28
N SER B 40 -27.68 -22.25 -23.45
CA SER B 40 -26.46 -21.57 -23.88
C SER B 40 -26.16 -20.26 -23.15
N THR B 41 -27.11 -19.32 -23.11
CA THR B 41 -26.89 -18.05 -22.42
C THR B 41 -26.35 -18.32 -21.01
N GLN B 42 -26.88 -19.33 -20.34
CA GLN B 42 -26.41 -19.65 -19.00
C GLN B 42 -25.01 -20.26 -19.03
N LYS B 43 -24.81 -21.24 -19.88
CA LYS B 43 -23.51 -21.90 -19.98
C LYS B 43 -22.45 -20.85 -20.28
N ALA B 44 -22.86 -19.77 -20.94
CA ALA B 44 -21.94 -18.69 -21.25
C ALA B 44 -21.73 -17.91 -19.97
N ILE B 45 -22.82 -17.47 -19.36
CA ILE B 45 -22.73 -16.73 -18.12
C ILE B 45 -21.80 -17.42 -17.12
N ASP B 46 -21.93 -18.73 -16.99
CA ASP B 46 -21.06 -19.47 -16.08
C ASP B 46 -19.61 -19.30 -16.52
N GLY B 47 -19.33 -19.64 -17.78
CA GLY B 47 -17.99 -19.54 -18.34
C GLY B 47 -17.30 -18.19 -18.16
N THR B 48 -18.02 -17.10 -18.46
CA THR B 48 -17.43 -15.77 -18.33
C THR B 48 -17.16 -15.39 -16.89
N THR B 49 -18.12 -15.68 -16.00
CA THR B 49 -17.97 -15.38 -14.60
C THR B 49 -16.65 -15.94 -14.05
N ASN B 50 -16.39 -17.22 -14.33
CA ASN B 50 -15.16 -17.85 -13.86
C ASN B 50 -13.93 -17.11 -14.33
N LYS B 51 -13.92 -16.78 -15.62
CA LYS B 51 -12.81 -16.04 -16.22
C LYS B 51 -12.49 -14.84 -15.35
N VAL B 52 -13.52 -14.03 -15.05
CA VAL B 52 -13.35 -12.86 -14.19
C VAL B 52 -12.68 -13.31 -12.90
N ASN B 53 -13.26 -14.32 -12.25
CA ASN B 53 -12.69 -14.81 -11.00
C ASN B 53 -11.25 -15.29 -11.20
N SER B 54 -11.00 -16.08 -12.24
CA SER B 54 -9.63 -16.56 -12.49
C SER B 54 -8.65 -15.40 -12.66
N ILE B 55 -9.06 -14.38 -13.41
CA ILE B 55 -8.20 -13.24 -13.64
C ILE B 55 -7.88 -12.56 -12.33
N ILE B 56 -8.91 -12.34 -11.52
CA ILE B 56 -8.71 -11.69 -10.24
C ILE B 56 -7.78 -12.51 -9.37
N ASP B 57 -8.05 -13.80 -9.24
CA ASP B 57 -7.19 -14.64 -8.43
C ASP B 57 -5.74 -14.81 -8.91
N LYS B 58 -5.51 -14.83 -10.22
CA LYS B 58 -4.14 -14.96 -10.73
C LYS B 58 -3.33 -13.71 -10.40
N MET B 59 -4.02 -12.60 -10.18
CA MET B 59 -3.36 -11.32 -9.89
C MET B 59 -3.28 -10.92 -8.43
N ASN B 60 -3.66 -11.81 -7.52
CA ASN B 60 -3.64 -11.46 -6.10
C ASN B 60 -2.33 -11.80 -5.39
N THR B 61 -1.44 -12.51 -6.07
CA THR B 61 -0.16 -12.85 -5.47
C THR B 61 0.94 -12.04 -6.14
N GLN B 62 0.62 -10.81 -6.49
CA GLN B 62 1.59 -9.95 -7.13
C GLN B 62 2.34 -9.05 -6.14
N PHE B 63 3.30 -8.30 -6.66
CA PHE B 63 4.15 -7.41 -5.88
C PHE B 63 3.49 -6.34 -5.00
N GLU B 64 4.24 -5.94 -3.98
CA GLU B 64 3.83 -4.92 -3.01
C GLU B 64 5.05 -4.13 -2.49
N ALA B 65 5.01 -2.81 -2.65
CA ALA B 65 6.10 -1.93 -2.23
C ALA B 65 6.17 -1.71 -0.72
N VAL B 66 7.38 -1.46 -0.21
CA VAL B 66 7.61 -1.21 1.23
C VAL B 66 8.52 0.02 1.35
N GLY B 67 8.09 1.01 2.14
CA GLY B 67 8.87 2.23 2.29
C GLY B 67 10.17 2.17 3.07
N LYS B 68 11.25 2.63 2.45
CA LYS B 68 12.58 2.67 3.08
C LYS B 68 13.20 4.02 2.82
N GLU B 69 14.08 4.45 3.70
CA GLU B 69 14.76 5.71 3.52
C GLU B 69 16.25 5.45 3.43
N PHE B 70 16.97 6.40 2.86
CA PHE B 70 18.41 6.30 2.65
C PHE B 70 19.02 7.66 2.86
N ASN B 71 20.26 7.70 3.32
CA ASN B 71 20.89 9.00 3.52
C ASN B 71 21.61 9.46 2.25
N ASN B 72 22.07 10.72 2.27
CA ASN B 72 22.77 11.33 1.15
C ASN B 72 23.89 10.48 0.54
N LEU B 73 24.50 9.59 1.31
CA LEU B 73 25.59 8.76 0.76
C LEU B 73 25.17 7.32 0.51
N GLU B 74 23.91 7.14 0.15
CA GLU B 74 23.37 5.82 -0.13
C GLU B 74 22.53 5.90 -1.39
N ARG B 75 22.90 6.86 -2.23
CA ARG B 75 22.20 7.09 -3.47
C ARG B 75 22.17 5.86 -4.39
N ARG B 76 23.24 5.08 -4.42
CA ARG B 76 23.21 3.88 -5.28
C ARG B 76 22.23 2.87 -4.75
N ILE B 77 22.24 2.53 -3.46
CA ILE B 77 21.26 1.54 -3.05
C ILE B 77 19.85 2.12 -3.07
N GLU B 78 19.72 3.43 -2.87
CA GLU B 78 18.40 4.03 -2.93
C GLU B 78 17.84 3.91 -4.38
N ASN B 79 18.70 4.16 -5.36
CA ASN B 79 18.28 4.05 -6.77
C ASN B 79 18.01 2.58 -7.07
N LEU B 80 18.86 1.71 -6.54
CA LEU B 80 18.68 0.29 -6.73
C LEU B 80 17.27 0.01 -6.23
N ASN B 81 16.96 0.42 -5.00
CA ASN B 81 15.63 0.20 -4.44
C ASN B 81 14.54 0.73 -5.39
N LYS B 82 14.61 2.00 -5.76
CA LYS B 82 13.61 2.58 -6.66
C LYS B 82 13.51 1.83 -7.99
N LYS B 83 14.66 1.48 -8.55
CA LYS B 83 14.68 0.74 -9.81
C LYS B 83 13.84 -0.52 -9.64
N MET B 84 14.10 -1.26 -8.56
CA MET B 84 13.40 -2.49 -8.27
C MET B 84 11.89 -2.31 -8.05
N GLU B 85 11.50 -1.30 -7.28
CA GLU B 85 10.08 -1.09 -7.04
C GLU B 85 9.33 -0.67 -8.31
N ASP B 86 9.95 0.18 -9.13
CA ASP B 86 9.34 0.60 -10.38
C ASP B 86 9.27 -0.59 -11.31
N GLY B 87 10.35 -1.38 -11.31
CA GLY B 87 10.40 -2.57 -12.14
C GLY B 87 9.26 -3.55 -11.94
N PHE B 88 9.06 -4.02 -10.71
CA PHE B 88 7.98 -4.95 -10.49
C PHE B 88 6.64 -4.28 -10.79
N LEU B 89 6.47 -3.01 -10.40
CA LEU B 89 5.23 -2.27 -10.68
C LEU B 89 4.96 -2.31 -12.20
N ASP B 90 5.94 -1.89 -13.00
CA ASP B 90 5.75 -1.91 -14.44
C ASP B 90 5.47 -3.31 -14.94
N VAL B 91 6.18 -4.30 -14.40
CA VAL B 91 5.98 -5.69 -14.82
C VAL B 91 4.56 -6.13 -14.50
N TRP B 92 4.10 -5.90 -13.28
CA TRP B 92 2.73 -6.31 -12.95
C TRP B 92 1.65 -5.47 -13.61
N THR B 93 1.93 -4.20 -13.89
CA THR B 93 0.96 -3.34 -14.58
C THR B 93 0.81 -3.89 -15.99
N TYR B 94 1.93 -4.31 -16.56
CA TYR B 94 1.93 -4.85 -17.91
C TYR B 94 1.10 -6.11 -17.91
N ASN B 95 1.29 -6.93 -16.88
CA ASN B 95 0.54 -8.17 -16.81
C ASN B 95 -0.98 -7.96 -16.74
N ALA B 96 -1.42 -6.99 -15.95
CA ALA B 96 -2.85 -6.69 -15.77
C ALA B 96 -3.45 -6.15 -17.04
N GLU B 97 -2.76 -5.23 -17.68
CA GLU B 97 -3.31 -4.71 -18.93
C GLU B 97 -3.36 -5.74 -20.05
N LEU B 98 -2.25 -6.43 -20.27
CA LEU B 98 -2.18 -7.43 -21.32
C LEU B 98 -3.16 -8.59 -21.12
N LEU B 99 -3.28 -9.06 -19.89
CA LEU B 99 -4.21 -10.15 -19.62
C LEU B 99 -5.62 -9.68 -19.90
N VAL B 100 -5.97 -8.48 -19.44
CA VAL B 100 -7.31 -7.98 -19.68
C VAL B 100 -7.54 -7.93 -21.18
N LEU B 101 -6.60 -7.34 -21.91
CA LEU B 101 -6.68 -7.22 -23.36
C LEU B 101 -6.84 -8.57 -24.05
N MET B 102 -5.90 -9.49 -23.84
CA MET B 102 -6.00 -10.79 -24.49
C MET B 102 -7.32 -11.49 -24.21
N GLU B 103 -7.71 -11.55 -22.94
CA GLU B 103 -8.96 -12.21 -22.60
C GLU B 103 -10.20 -11.50 -23.13
N ASN B 104 -10.19 -10.18 -23.16
CA ASN B 104 -11.35 -9.48 -23.67
C ASN B 104 -11.60 -9.92 -25.10
N GLU B 105 -10.52 -10.05 -25.86
CA GLU B 105 -10.67 -10.46 -27.25
C GLU B 105 -11.32 -11.83 -27.32
N ARG B 106 -10.91 -12.73 -26.44
CA ARG B 106 -11.45 -14.08 -26.42
C ARG B 106 -12.89 -14.09 -25.97
N THR B 107 -13.24 -13.18 -25.08
CA THR B 107 -14.62 -13.09 -24.60
C THR B 107 -15.54 -12.77 -25.80
N LEU B 108 -15.20 -11.75 -26.58
CA LEU B 108 -16.03 -11.42 -27.73
C LEU B 108 -16.14 -12.59 -28.68
N ASP B 109 -15.06 -13.37 -28.83
CA ASP B 109 -15.08 -14.52 -29.73
C ASP B 109 -15.84 -15.71 -29.15
N PHE B 110 -15.90 -15.78 -27.82
CA PHE B 110 -16.60 -16.86 -27.14
C PHE B 110 -18.10 -16.70 -27.44
N HIS B 111 -18.58 -15.46 -27.36
CA HIS B 111 -19.97 -15.16 -27.66
C HIS B 111 -20.26 -15.49 -29.12
N ASP B 112 -19.42 -14.97 -30.01
CA ASP B 112 -19.57 -15.22 -31.44
C ASP B 112 -19.64 -16.73 -31.65
N SER B 113 -18.64 -17.45 -31.15
CA SER B 113 -18.61 -18.90 -31.24
C SER B 113 -19.91 -19.47 -30.65
N ASN B 114 -20.35 -18.93 -29.52
CA ASN B 114 -21.60 -19.42 -28.90
C ASN B 114 -22.79 -19.27 -29.86
N VAL B 115 -22.86 -18.16 -30.57
CA VAL B 115 -23.95 -17.96 -31.51
C VAL B 115 -23.84 -18.89 -32.72
N LYS B 116 -22.66 -19.03 -33.29
CA LYS B 116 -22.54 -19.90 -34.45
C LYS B 116 -22.92 -21.34 -34.12
N ASN B 117 -22.66 -21.78 -32.89
CA ASN B 117 -22.99 -23.15 -32.52
C ASN B 117 -24.47 -23.31 -32.22
N LEU B 118 -25.09 -22.30 -31.63
CA LEU B 118 -26.52 -22.37 -31.37
C LEU B 118 -27.16 -22.42 -32.75
N TYR B 119 -26.77 -21.47 -33.62
CA TYR B 119 -27.27 -21.40 -34.98
C TYR B 119 -27.07 -22.73 -35.71
N ASP B 120 -25.96 -23.40 -35.45
CA ASP B 120 -25.69 -24.67 -36.10
C ASP B 120 -26.57 -25.75 -35.52
N LYS B 121 -26.72 -25.79 -34.20
CA LYS B 121 -27.55 -26.82 -33.57
C LYS B 121 -28.99 -26.76 -34.11
N VAL B 122 -29.33 -25.67 -34.77
CA VAL B 122 -30.66 -25.51 -35.34
C VAL B 122 -30.64 -25.78 -36.84
N ARG B 123 -29.57 -25.37 -37.51
CA ARG B 123 -29.47 -25.62 -38.95
C ARG B 123 -29.55 -27.11 -39.16
N LEU B 124 -28.65 -27.84 -38.49
CA LEU B 124 -28.58 -29.29 -38.59
C LEU B 124 -29.76 -29.99 -37.92
N GLN B 125 -30.70 -29.18 -37.43
CA GLN B 125 -31.88 -29.72 -36.79
C GLN B 125 -33.06 -29.66 -37.74
N LEU B 126 -33.41 -28.45 -38.17
CA LEU B 126 -34.53 -28.27 -39.08
C LEU B 126 -34.30 -29.07 -40.37
N ARG B 127 -33.07 -29.59 -40.53
CA ARG B 127 -32.72 -30.37 -41.70
C ARG B 127 -33.36 -29.87 -42.98
N ASP B 128 -34.26 -30.68 -43.53
CA ASP B 128 -34.94 -30.35 -44.79
C ASP B 128 -36.39 -29.88 -44.65
N ASN B 129 -36.75 -29.37 -43.48
CA ASN B 129 -38.11 -28.90 -43.25
C ASN B 129 -38.20 -27.38 -43.44
N ALA B 130 -37.05 -26.73 -43.37
CA ALA B 130 -36.96 -25.28 -43.53
C ALA B 130 -35.82 -24.88 -44.46
N LYS B 131 -35.88 -23.64 -44.94
CA LYS B 131 -34.87 -23.12 -45.85
C LYS B 131 -33.94 -22.13 -45.17
N GLU B 132 -32.63 -22.36 -45.34
CA GLU B 132 -31.61 -21.49 -44.76
C GLU B 132 -31.58 -20.20 -45.57
N LEU B 133 -31.94 -19.10 -44.92
CA LEU B 133 -31.99 -17.81 -45.58
C LEU B 133 -30.63 -17.09 -45.61
N GLY B 134 -29.73 -17.52 -44.73
CA GLY B 134 -28.41 -16.91 -44.66
C GLY B 134 -28.40 -15.56 -43.99
N ASN B 135 -29.40 -15.31 -43.14
CA ASN B 135 -29.50 -14.05 -42.43
C ASN B 135 -29.69 -14.39 -40.96
N GLY B 136 -29.53 -15.67 -40.65
CA GLY B 136 -29.68 -16.14 -39.28
C GLY B 136 -31.09 -16.68 -39.09
N CYS B 137 -31.88 -16.63 -40.15
CA CYS B 137 -33.24 -17.13 -40.08
C CYS B 137 -33.46 -18.40 -40.86
N PHE B 138 -34.53 -19.11 -40.49
CA PHE B 138 -34.91 -20.34 -41.16
C PHE B 138 -36.40 -20.23 -41.49
N GLU B 139 -36.74 -20.31 -42.78
CA GLU B 139 -38.14 -20.24 -43.20
C GLU B 139 -38.58 -21.62 -43.70
N PHE B 140 -39.48 -22.26 -42.95
CA PHE B 140 -39.99 -23.58 -43.29
C PHE B 140 -40.77 -23.55 -44.61
N TYR B 141 -41.18 -24.72 -45.08
CA TYR B 141 -41.96 -24.79 -46.30
C TYR B 141 -43.47 -24.93 -45.97
N HIS B 142 -43.82 -26.01 -45.26
CA HIS B 142 -45.21 -26.27 -44.85
C HIS B 142 -45.36 -25.69 -43.45
N LYS B 143 -46.39 -24.87 -43.27
CA LYS B 143 -46.69 -24.20 -42.01
C LYS B 143 -46.31 -24.91 -40.71
N CYS B 144 -45.78 -24.11 -39.79
CA CYS B 144 -45.36 -24.56 -38.46
C CYS B 144 -45.78 -23.47 -37.50
N ASP B 145 -46.24 -23.87 -36.32
CA ASP B 145 -46.73 -22.90 -35.35
C ASP B 145 -45.97 -22.92 -34.04
N ASN B 146 -46.65 -22.42 -33.01
CA ASN B 146 -46.12 -22.30 -31.67
C ASN B 146 -45.87 -23.60 -30.95
N GLU B 147 -46.70 -24.61 -31.19
CA GLU B 147 -46.51 -25.91 -30.57
C GLU B 147 -45.34 -26.55 -31.30
N CYS B 148 -45.14 -26.11 -32.55
CA CYS B 148 -44.05 -26.58 -33.40
C CYS B 148 -42.77 -25.79 -33.11
N MET B 149 -42.91 -24.48 -32.95
CA MET B 149 -41.76 -23.61 -32.66
C MET B 149 -41.12 -24.09 -31.36
N GLU B 150 -41.94 -24.21 -30.32
CA GLU B 150 -41.47 -24.67 -29.01
C GLU B 150 -40.83 -26.05 -29.09
N SER B 151 -40.87 -26.66 -30.27
CA SER B 151 -40.28 -27.99 -30.47
C SER B 151 -38.79 -27.80 -30.67
N VAL B 152 -38.46 -26.94 -31.64
CA VAL B 152 -37.09 -26.62 -31.99
C VAL B 152 -36.33 -26.14 -30.76
N LYS B 153 -36.95 -25.21 -30.03
CA LYS B 153 -36.37 -24.68 -28.81
C LYS B 153 -36.26 -25.81 -27.77
N ASN B 154 -37.28 -26.66 -27.71
CA ASN B 154 -37.33 -27.77 -26.76
C ASN B 154 -36.21 -28.78 -27.04
N GLY B 155 -35.57 -28.63 -28.20
CA GLY B 155 -34.49 -29.55 -28.58
C GLY B 155 -35.05 -30.92 -28.91
N THR B 156 -36.38 -31.07 -28.82
CA THR B 156 -37.07 -32.32 -29.08
C THR B 156 -37.89 -32.26 -30.37
N TYR B 157 -37.31 -31.67 -31.41
CA TYR B 157 -37.99 -31.54 -32.69
C TYR B 157 -37.75 -32.75 -33.61
N ASP B 158 -38.77 -33.03 -34.44
CA ASP B 158 -38.80 -34.14 -35.38
C ASP B 158 -39.58 -35.29 -34.74
N TYR B 159 -40.58 -35.81 -35.47
CA TYR B 159 -41.42 -36.91 -34.98
C TYR B 159 -40.60 -38.19 -34.84
N PRO B 160 -39.27 -38.06 -34.99
CA PRO B 160 -38.32 -39.16 -34.88
C PRO B 160 -38.05 -39.51 -33.42
#